data_8OO9
#
_entry.id   8OO9
#
_cell.length_a   1.00
_cell.length_b   1.00
_cell.length_c   1.00
_cell.angle_alpha   90.00
_cell.angle_beta   90.00
_cell.angle_gamma   90.00
#
_symmetry.space_group_name_H-M   'P 1'
#
loop_
_entity.id
_entity.type
_entity.pdbx_description
1 polymer 'Chromatin-remodeling ATPase INO80'
2 polymer 'DNA strand 1'
3 polymer 'DNA strand 2'
4 non-polymer "ADENOSINE-5'-DIPHOSPHATE"
5 non-polymer 'MAGNESIUM ION'
6 non-polymer 'TETRAFLUOROALUMINATE ION'
#
loop_
_entity_poly.entity_id
_entity_poly.type
_entity_poly.pdbx_seq_one_letter_code
_entity_poly.pdbx_strand_id
1 'polypeptide(L)'
;LELKFQSKGYNQIYDQIWRDLARKDVSKVFRLATDSYATKASNLKKTAILASKEAKRWQLRTNKGTKDLQARAKRVMRDM
MGFWKRNEREERDLRKAAERLELENARKEEADREAARQRRKLNFLISQTELYSHFISKKIKTHEVERSTDHPDVATDEKD
KIPEPTLNINVPEPTGPIAPKVTDFNSLDFDNEDESALQAAAMANAQNAIAEAQKKAREFNKDETKLDEDGEMNFQHPEL
TEFEVAQPKLLNCQLKEYQLKGLNWLVNLYEQGINGILADEMGLGKTVQSISVMAYLAERYDIWGPFLVVAPASTLHNWQ
QEVSKFVPDFKVLPYWGTAADRKVLRKFWDRKHTTYKKDSPFHVMITSYQLVVSDVAYFQKMKWQYMILDEAQAIKSSQS
SRWKCLLGFHCRNRLLLTGTPIQNNMQELWALLHFIMPSLFDSHDEFSEWFSKDIESHAQSNTKLNEDQLKRLHMILKPF
MLRRVKKHVQKELGDKIEIDVFCELSYRQRAMYQSLRNQISIMDLIEKATVGDNEDSATLMNLVMQFRKVCNHPDLFERA
DTSSPFFCGHFAETGSFLREGTNVALGYSTRSLVEYRLPRLIWCDGGRLDKPGPGNLVAGFRSKYLNHMMNIWTPENIRS
SLEGIENFTWLRFVDTSLQEAYRASHTDVFARAVDLASKQNRLGHMQIVYDEPEDKKWTPVHALFQICERENPKAVAEIT
TEGVLRDLMNIARVKYRELGLCRLEKAARPRASAPPIEVVCDSRSAVIERENIMFHPAMRKALFGPTPSEIKEASFGPRP
VTLYPPRALLPAPDHDKQRFTNITVPSMARFVTDSGKLAKLDELLRELKEGGHRVLLYFQMTRMIDLMEEYLTYRNYKYC
RLDGSTKLEDRRDTVADFQTRPEIFIFLLSTRAGGLGINLTTADTVIFYDSDWNPTIDSQAMDRAHRLGQTKQVTVYRLI
TRGTIEERIRKRALQKEEVQRVVITGTGSVDFSGRRPPENRNRDIAMWLADDEQAEMIERREKELIESGEYDKIMQQRRK
GGKRKRGAANGDTVPSLEDMYHEGEGHFDDNKGSGAATPVDADSLGRGGKRKKAGGSKKAKTTKQRLAIADGEIDIDYKD
DDDKGTDYKDDDDK
;
G
2 'polydeoxyribonucleotide'
;(DC)(DT)(DG)(DG)(DA)(DG)(DA)(DA)(DT)(DC)(DC)(DC)(DG)(DG)(DT)(DG)(DC)(DC)(DG)(DA)
(DG)(DG)(DC)(DC)(DG)(DC)(DT)(DC)(DA)(DA)(DT)(DT)(DG)(DG)(DT)(DC)(DG)(DT)(DA)(DG)
(DC)(DA)(DA)(DG)(DC)(DT)(DC)(DT)(DA)(DG)(DC)(DA)(DC)(DC)(DG)(DC)(DT)(DT)(DA)(DA)
(DA)(DC)(DG)(DC)(DA)(DC)(DG)(DT)(DA)(DC)(DG)(DC)(DG)(DC)(DT)(DG)(DT)(DC)(DC)(DC)
(DC)(DC)(DG)(DC)(DG)(DT)(DT)(DT)(DT)(DA)(DA)(DC)(DC)(DG)(DC)(DC)(DA)(DA)(DG)(DG)
(DG)(DG)(DA)(DT)(DT)(DA)(DC)(DT)(DC)(DC)(DC)(DT)(DA)(DG)(DT)(DC)(DT)(DC)(DC)(DA)
(DG)(DG)(DC)(DA)(DC)(DG)(DT)(DG)(DT)(DC)(DA)(DG)(DA)(DT)(DA)(DT)(DA)(DT)(DA)(DC)
(DA)(DT)(DC)(DC)(DT)(DG)(DT)(DG)(DC)(DA)(DT)(DG)(DT)(DA)(DT)(DT)(DG)(DA)(DA)(DC)
(DA)(DG)(DC)(DG)(DA)(DC)(DC)(DT)(DT)(DG)(DC)(DC)(DG)(DG)(DT)(DG)(DC)(DC)(DA)(DG)
(DT)(DC)(DG)(DG)(DA)(DT)(DA)(DG)(DT)(DG)(DT)(DT)(DC)(DC)(DG)(DA)(DG)(DC)(DT)(DC)
(DC)(DC)(DA)(DC)(DT)(DC)(DT)(DA)(DG)(DA)(DG)(DG)(DA)(DT)(DC)(DC)(DC)(DC)(DG)(DG)
(DG)(DT)(DA)(DC)(DC)(DG)
;
K
3 'polydeoxyribonucleotide'
;(DC)(DG)(DG)(DT)(DA)(DC)(DC)(DC)(DG)(DG)(DG)(DG)(DA)(DT)(DC)(DC)(DT)(DC)(DT)(DA)
(DG)(DA)(DG)(DT)(DG)(DG)(DG)(DA)(DG)(DC)(DT)(DC)(DG)(DG)(DA)(DA)(DC)(DA)(DC)(DT)
(DA)(DT)(DC)(DC)(DG)(DA)(DC)(DT)(DG)(DG)(DC)(DA)(DC)(DC)(DG)(DG)(DC)(DA)(DA)(DG)
(DG)(DT)(DC)(DG)(DC)(DT)(DG)(DT)(DT)(DC)(DA)(DA)(DT)(DA)(DC)(DA)(DT)(DG)(DC)(DA)
(DC)(DA)(DG)(DG)(DA)(DT)(DG)(DT)(DA)(DT)(DA)(DT)(DA)(DT)(DC)(DT)(DG)(DA)(DC)(DA)
(DC)(DG)(DT)(DG)(DC)(DC)(DT)(DG)(DG)(DA)(DG)(DA)(DC)(DT)(DA)(DG)(DG)(DG)(DA)(DG)
(DT)(DA)(DA)(DT)(DC)(DC)(DC)(DC)(DT)(DT)(DG)(DG)(DC)(DG)(DG)(DT)(DT)(DA)(DA)(DA)
(DA)(DC)(DG)(DC)(DG)(DG)(DG)(DG)(DG)(DA)(DC)(DA)(DG)(DC)(DG)(DC)(DG)(DT)(DA)(DC)
(DG)(DT)(DG)(DC)(DG)(DT)(DT)(DT)(DA)(DA)(DG)(DC)(DG)(DG)(DT)(DG)(DC)(DT)(DA)(DG)
(DA)(DG)(DC)(DT)(DT)(DG)(DC)(DT)(DA)(DC)(DG)(DA)(DC)(DC)(DA)(DA)(DT)(DT)(DG)(DA)
(DG)(DC)(DG)(DG)(DC)(DC)(DT)(DC)(DG)(DG)(DC)(DA)(DC)(DC)(DG)(DG)(DG)(DA)(DT)(DT)
(DC)(DT)(DC)(DC)(DA)(DG)
;
L
#
# COMPACT_ATOMS: atom_id res chain seq x y z
N GLN A 247 26.86 5.40 -9.19
CA GLN A 247 25.57 4.89 -9.61
C GLN A 247 25.63 4.49 -11.09
N PRO A 248 24.78 3.54 -11.48
CA PRO A 248 24.77 3.11 -12.88
C PRO A 248 24.35 4.22 -13.82
N LYS A 249 25.13 4.40 -14.89
CA LYS A 249 24.94 5.51 -15.83
C LYS A 249 23.63 5.44 -16.59
N LEU A 250 22.90 4.33 -16.51
CA LEU A 250 21.56 4.25 -17.10
C LEU A 250 20.54 5.13 -16.41
N LEU A 251 20.83 5.59 -15.19
CA LEU A 251 19.85 6.34 -14.43
C LEU A 251 19.65 7.77 -14.94
N ASN A 252 18.39 8.18 -15.00
CA ASN A 252 18.02 9.55 -15.36
C ASN A 252 18.31 10.54 -14.24
N CYS A 253 17.95 10.21 -13.00
CA CYS A 253 17.98 11.15 -11.89
C CYS A 253 18.75 10.56 -10.72
N GLN A 254 19.50 11.42 -10.04
CA GLN A 254 20.49 10.95 -9.06
C GLN A 254 19.84 10.36 -7.82
N LEU A 255 20.36 9.20 -7.41
CA LEU A 255 20.04 8.62 -6.11
C LEU A 255 20.53 9.51 -4.99
N LYS A 256 19.69 9.66 -3.96
CA LYS A 256 20.08 10.35 -2.74
C LYS A 256 21.08 9.54 -1.94
N GLU A 257 21.76 10.22 -1.02
CA GLU A 257 22.87 9.64 -0.27
C GLU A 257 22.52 8.30 0.37
N TYR A 258 21.39 8.25 1.06
CA TYR A 258 20.95 7.00 1.69
C TYR A 258 20.52 5.95 0.68
N GLN A 259 19.97 6.37 -0.46
CA GLN A 259 19.64 5.42 -1.52
C GLN A 259 20.86 4.82 -2.17
N LEU A 260 21.93 5.59 -2.32
CA LEU A 260 23.18 5.03 -2.84
C LEU A 260 23.77 3.98 -1.90
N LYS A 261 23.74 4.24 -0.59
CA LYS A 261 24.07 3.21 0.39
C LYS A 261 23.14 2.00 0.29
N GLY A 262 21.89 2.23 -0.10
CA GLY A 262 20.96 1.12 -0.30
C GLY A 262 21.25 0.31 -1.54
N LEU A 263 21.58 0.97 -2.64
CA LEU A 263 22.11 0.27 -3.81
C LEU A 263 23.33 -0.58 -3.45
N ASN A 264 24.28 -0.02 -2.72
CA ASN A 264 25.45 -0.79 -2.31
C ASN A 264 25.08 -2.02 -1.49
N TRP A 265 24.13 -1.90 -0.57
CA TRP A 265 23.70 -3.09 0.17
C TRP A 265 23.06 -4.12 -0.75
N LEU A 266 22.23 -3.68 -1.68
CA LEU A 266 21.57 -4.60 -2.60
C LEU A 266 22.55 -5.26 -3.57
N VAL A 267 23.55 -4.52 -4.02
CA VAL A 267 24.63 -5.08 -4.84
C VAL A 267 25.44 -6.11 -4.06
N ASN A 268 25.83 -5.77 -2.84
CA ASN A 268 26.58 -6.71 -2.02
C ASN A 268 25.79 -7.96 -1.69
N LEU A 269 24.49 -7.84 -1.42
CA LEU A 269 23.65 -9.02 -1.29
C LEU A 269 23.75 -9.92 -2.50
N TYR A 270 23.63 -9.35 -3.70
CA TYR A 270 23.73 -10.11 -4.93
C TYR A 270 25.10 -10.76 -5.10
N GLU A 271 26.16 -9.96 -4.96
CA GLU A 271 27.52 -10.48 -5.19
C GLU A 271 27.99 -11.42 -4.10
N GLN A 272 27.44 -11.32 -2.90
CA GLN A 272 27.64 -12.37 -1.90
C GLN A 272 26.69 -13.55 -2.09
N GLY A 273 25.79 -13.48 -3.06
CA GLY A 273 24.93 -14.60 -3.36
C GLY A 273 23.78 -14.84 -2.41
N ILE A 274 23.23 -13.77 -1.84
CA ILE A 274 22.19 -13.85 -0.82
C ILE A 274 21.11 -12.82 -1.14
N ASN A 275 19.95 -12.97 -0.51
CA ASN A 275 18.78 -12.15 -0.78
C ASN A 275 18.36 -11.37 0.46
N GLY A 276 17.72 -10.22 0.27
CA GLY A 276 17.34 -9.40 1.39
C GLY A 276 16.12 -8.54 1.17
N ILE A 277 15.61 -7.99 2.27
CA ILE A 277 14.42 -7.15 2.31
C ILE A 277 14.84 -5.70 2.40
N LEU A 278 14.45 -4.89 1.41
CA LEU A 278 14.52 -3.43 1.53
C LEU A 278 13.26 -2.93 2.23
N ALA A 279 13.36 -2.77 3.55
CA ALA A 279 12.27 -2.40 4.44
C ALA A 279 12.19 -0.91 4.70
N ASP A 280 12.90 -0.09 3.92
CA ASP A 280 12.83 1.36 4.03
C ASP A 280 11.40 1.87 4.17
N GLU A 281 11.22 2.82 5.08
CA GLU A 281 9.93 3.43 5.39
C GLU A 281 9.27 4.04 4.15
N MET A 282 7.95 4.16 4.21
CA MET A 282 7.12 4.65 3.12
C MET A 282 7.55 6.00 2.59
N GLY A 283 7.73 6.08 1.28
CA GLY A 283 8.11 7.31 0.62
C GLY A 283 9.58 7.60 0.60
N LEU A 284 10.40 6.74 1.19
CA LEU A 284 11.85 6.94 1.12
C LEU A 284 12.43 6.69 -0.26
N GLY A 285 11.68 6.05 -1.14
CA GLY A 285 12.19 5.77 -2.47
C GLY A 285 12.71 4.37 -2.66
N LYS A 286 11.94 3.37 -2.25
CA LYS A 286 12.34 1.99 -2.47
C LYS A 286 12.43 1.65 -3.95
N THR A 287 11.61 2.30 -4.77
CA THR A 287 11.58 2.02 -6.20
C THR A 287 12.88 2.40 -6.89
N VAL A 288 13.42 3.58 -6.64
CA VAL A 288 14.65 3.97 -7.34
C VAL A 288 15.83 3.08 -6.95
N GLN A 289 15.94 2.71 -5.67
CA GLN A 289 16.97 1.79 -5.24
C GLN A 289 16.85 0.44 -5.95
N SER A 290 15.66 -0.15 -5.93
CA SER A 290 15.43 -1.45 -6.57
C SER A 290 15.68 -1.42 -8.06
N ILE A 291 15.19 -0.39 -8.76
CA ILE A 291 15.45 -0.25 -10.18
C ILE A 291 16.93 -0.09 -10.45
N SER A 292 17.62 0.67 -9.61
CA SER A 292 19.06 0.85 -9.78
C SER A 292 19.84 -0.44 -9.60
N VAL A 293 19.28 -1.43 -8.92
CA VAL A 293 19.88 -2.77 -8.91
C VAL A 293 19.84 -3.37 -10.31
N MET A 294 18.66 -3.41 -10.92
CA MET A 294 18.52 -3.92 -12.27
C MET A 294 19.38 -3.17 -13.27
N ALA A 295 19.41 -1.85 -13.16
CA ALA A 295 20.30 -1.04 -13.97
C ALA A 295 21.78 -1.33 -13.74
N TYR A 296 22.15 -1.74 -12.54
CA TYR A 296 23.53 -2.17 -12.29
C TYR A 296 23.82 -3.56 -12.86
N LEU A 297 22.88 -4.49 -12.76
CA LEU A 297 23.07 -5.77 -13.41
C LEU A 297 23.22 -5.62 -14.91
N ALA A 298 22.47 -4.73 -15.51
CA ALA A 298 22.67 -4.35 -16.91
C ALA A 298 24.01 -3.66 -17.13
N GLU A 299 24.26 -2.59 -16.40
CA GLU A 299 25.46 -1.79 -16.67
C GLU A 299 26.74 -2.55 -16.38
N ARG A 300 26.79 -3.33 -15.30
CA ARG A 300 28.04 -3.98 -14.89
C ARG A 300 28.22 -5.37 -15.48
N TYR A 301 27.15 -6.14 -15.62
CA TYR A 301 27.23 -7.53 -16.03
C TYR A 301 26.45 -7.81 -17.30
N ASP A 302 25.93 -6.77 -17.96
CA ASP A 302 25.21 -6.87 -19.22
C ASP A 302 23.99 -7.78 -19.16
N ILE A 303 23.40 -7.93 -17.97
CA ILE A 303 22.15 -8.67 -17.80
C ILE A 303 21.01 -7.69 -18.06
N TRP A 304 20.40 -7.76 -19.24
CA TRP A 304 19.25 -6.92 -19.56
C TRP A 304 17.94 -7.62 -19.29
N GLY A 305 17.86 -8.32 -18.17
CA GLY A 305 16.75 -9.18 -17.83
C GLY A 305 16.94 -10.61 -18.27
N PRO A 306 15.87 -11.39 -18.23
CA PRO A 306 14.50 -11.07 -17.84
C PRO A 306 14.38 -10.71 -16.37
N PHE A 307 13.84 -9.52 -16.11
CA PHE A 307 13.65 -8.98 -14.79
C PHE A 307 12.16 -8.91 -14.48
N LEU A 308 11.74 -9.48 -13.37
CA LEU A 308 10.33 -9.50 -12.99
C LEU A 308 10.06 -8.49 -11.88
N VAL A 309 8.99 -7.72 -12.04
CA VAL A 309 8.41 -6.91 -10.97
C VAL A 309 7.00 -7.37 -10.70
N VAL A 310 6.73 -7.79 -9.47
CA VAL A 310 5.38 -8.10 -9.02
C VAL A 310 4.94 -7.00 -8.08
N ALA A 311 3.73 -6.48 -8.28
CA ALA A 311 3.25 -5.36 -7.49
C ALA A 311 1.74 -5.47 -7.37
N PRO A 312 1.13 -4.75 -6.41
CA PRO A 312 -0.32 -4.64 -6.38
C PRO A 312 -0.86 -3.86 -7.57
N ALA A 313 -2.11 -4.16 -7.92
CA ALA A 313 -2.64 -3.68 -9.20
C ALA A 313 -2.64 -2.16 -9.31
N SER A 314 -2.92 -1.46 -8.22
CA SER A 314 -2.86 -0.01 -8.24
C SER A 314 -1.45 0.54 -8.39
N THR A 315 -0.43 -0.27 -8.12
CA THR A 315 0.95 0.17 -8.28
C THR A 315 1.48 0.02 -9.70
N LEU A 316 0.81 -0.77 -10.53
CA LEU A 316 1.34 -1.20 -11.82
C LEU A 316 1.64 -0.04 -12.75
N HIS A 317 0.67 0.84 -12.97
CA HIS A 317 0.91 2.01 -13.80
C HIS A 317 1.94 2.94 -13.19
N ASN A 318 1.96 3.05 -11.86
CA ASN A 318 2.96 3.84 -11.17
C ASN A 318 4.39 3.33 -11.42
N TRP A 319 4.59 2.01 -11.34
CA TRP A 319 5.93 1.46 -11.58
C TRP A 319 6.30 1.46 -13.05
N GLN A 320 5.35 1.24 -13.95
CA GLN A 320 5.62 1.39 -15.38
C GLN A 320 6.08 2.80 -15.73
N GLN A 321 5.36 3.80 -15.23
CA GLN A 321 5.77 5.19 -15.43
C GLN A 321 7.12 5.50 -14.81
N GLU A 322 7.32 5.12 -13.56
CA GLU A 322 8.55 5.48 -12.87
C GLU A 322 9.78 4.77 -13.44
N VAL A 323 9.66 3.50 -13.79
CA VAL A 323 10.79 2.85 -14.44
C VAL A 323 11.09 3.49 -15.80
N SER A 324 10.05 3.91 -16.53
CA SER A 324 10.26 4.65 -17.77
C SER A 324 10.98 5.97 -17.51
N LYS A 325 10.65 6.61 -16.40
CA LYS A 325 11.32 7.84 -15.99
C LYS A 325 12.77 7.61 -15.62
N PHE A 326 13.02 6.69 -14.69
CA PHE A 326 14.34 6.54 -14.10
C PHE A 326 15.32 5.79 -15.00
N VAL A 327 14.85 4.79 -15.72
CA VAL A 327 15.70 4.05 -16.66
C VAL A 327 14.96 3.84 -17.98
N PRO A 328 15.08 4.79 -18.92
CA PRO A 328 14.35 4.66 -20.19
C PRO A 328 14.83 3.50 -21.05
N ASP A 329 16.06 3.03 -20.87
CA ASP A 329 16.58 1.94 -21.67
C ASP A 329 15.85 0.62 -21.48
N PHE A 330 15.22 0.40 -20.32
CA PHE A 330 14.53 -0.86 -20.06
C PHE A 330 13.18 -0.89 -20.76
N LYS A 331 13.06 -1.76 -21.77
CA LYS A 331 11.79 -2.04 -22.43
C LYS A 331 10.86 -2.75 -21.45
N VAL A 332 9.86 -2.05 -20.95
CA VAL A 332 8.87 -2.65 -20.06
C VAL A 332 7.92 -3.51 -20.87
N LEU A 333 7.63 -4.72 -20.36
CA LEU A 333 6.44 -5.44 -20.79
C LEU A 333 5.33 -5.27 -19.77
N PRO A 334 4.29 -4.51 -20.06
CA PRO A 334 3.17 -4.34 -19.13
C PRO A 334 2.19 -5.52 -19.17
N TYR A 335 2.54 -6.57 -18.45
CA TYR A 335 1.79 -7.82 -18.53
C TYR A 335 0.51 -7.78 -17.70
N TRP A 336 -0.47 -7.05 -18.20
CA TRP A 336 -1.80 -7.13 -17.61
C TRP A 336 -2.85 -6.84 -18.68
N GLY A 337 -4.05 -7.34 -18.44
CA GLY A 337 -5.12 -7.26 -19.42
C GLY A 337 -6.04 -8.43 -19.28
N THR A 338 -7.00 -8.50 -20.20
CA THR A 338 -7.84 -9.68 -20.35
C THR A 338 -7.03 -10.84 -20.90
N ALA A 339 -7.54 -12.06 -20.66
CA ALA A 339 -6.84 -13.27 -21.05
C ALA A 339 -6.36 -13.22 -22.49
N ALA A 340 -7.21 -12.77 -23.40
CA ALA A 340 -6.82 -12.63 -24.80
C ALA A 340 -5.73 -11.60 -25.02
N ASP A 341 -5.76 -10.51 -24.26
CA ASP A 341 -4.71 -9.51 -24.38
C ASP A 341 -3.39 -10.00 -23.81
N ARG A 342 -3.43 -10.73 -22.70
CA ARG A 342 -2.24 -11.35 -22.16
C ARG A 342 -1.69 -12.44 -23.08
N LYS A 343 -2.57 -13.19 -23.73
CA LYS A 343 -2.18 -14.19 -24.73
C LYS A 343 -1.38 -13.60 -25.89
N VAL A 344 -1.67 -12.37 -26.28
CA VAL A 344 -0.81 -11.65 -27.22
C VAL A 344 0.51 -11.24 -26.58
N LEU A 345 0.47 -10.72 -25.36
CA LEU A 345 1.70 -10.24 -24.73
C LEU A 345 2.73 -11.34 -24.52
N ARG A 346 2.30 -12.59 -24.30
CA ARG A 346 3.23 -13.71 -24.21
C ARG A 346 4.07 -13.92 -25.47
N LYS A 347 3.68 -13.34 -26.60
CA LYS A 347 4.51 -13.44 -27.79
C LYS A 347 5.87 -12.77 -27.63
N PHE A 348 6.02 -11.86 -26.68
CA PHE A 348 7.30 -11.24 -26.39
C PHE A 348 8.20 -12.04 -25.44
N TRP A 349 7.70 -13.09 -24.80
CA TRP A 349 8.52 -13.89 -23.88
C TRP A 349 9.46 -14.81 -24.65
N ASP A 350 10.72 -14.40 -24.76
CA ASP A 350 11.79 -15.25 -25.27
C ASP A 350 12.20 -16.27 -24.21
N ARG A 351 12.01 -17.56 -24.51
CA ARG A 351 12.47 -18.64 -23.65
C ARG A 351 13.87 -19.14 -24.00
N LYS A 352 14.40 -18.79 -25.17
CA LYS A 352 15.70 -19.31 -25.59
C LYS A 352 16.84 -18.68 -24.82
N HIS A 353 16.81 -17.37 -24.65
CA HIS A 353 17.83 -16.67 -23.88
C HIS A 353 17.49 -16.66 -22.38
N THR A 354 18.35 -17.28 -21.60
CA THR A 354 18.23 -17.18 -20.15
C THR A 354 18.74 -15.83 -19.64
N THR A 355 19.65 -15.20 -20.38
CA THR A 355 20.04 -13.81 -20.15
C THR A 355 19.72 -13.01 -21.41
N TYR A 356 18.89 -11.99 -21.27
CA TYR A 356 18.59 -11.09 -22.37
C TYR A 356 19.69 -10.08 -22.56
N LYS A 357 19.86 -9.63 -23.81
CA LYS A 357 20.72 -8.51 -24.14
C LYS A 357 19.86 -7.29 -24.46
N LYS A 358 20.53 -6.14 -24.57
CA LYS A 358 19.83 -4.88 -24.85
C LYS A 358 18.91 -4.98 -26.07
N ASP A 359 19.32 -5.68 -27.11
CA ASP A 359 18.44 -6.12 -28.20
C ASP A 359 17.57 -7.26 -27.75
N SER A 360 16.42 -6.95 -27.13
CA SER A 360 15.52 -7.98 -26.66
C SER A 360 14.10 -7.47 -26.75
N PRO A 361 13.11 -8.36 -26.91
CA PRO A 361 11.72 -7.90 -26.91
C PRO A 361 11.29 -7.19 -25.65
N PHE A 362 11.74 -7.64 -24.48
CA PHE A 362 11.52 -6.88 -23.25
C PHE A 362 12.72 -7.03 -22.34
N HIS A 363 12.77 -6.16 -21.32
CA HIS A 363 13.75 -6.27 -20.27
C HIS A 363 13.15 -6.42 -18.89
N VAL A 364 12.28 -5.51 -18.49
CA VAL A 364 11.58 -5.57 -17.21
C VAL A 364 10.14 -5.90 -17.50
N MET A 365 9.62 -6.92 -16.83
CA MET A 365 8.20 -7.23 -16.90
C MET A 365 7.54 -6.86 -15.59
N ILE A 366 6.48 -6.06 -15.66
CA ILE A 366 5.74 -5.58 -14.51
C ILE A 366 4.38 -6.25 -14.46
N THR A 367 4.04 -6.82 -13.31
CA THR A 367 2.95 -7.79 -13.22
C THR A 367 2.23 -7.66 -11.89
N SER A 368 0.92 -7.88 -11.93
CA SER A 368 0.08 -7.95 -10.74
C SER A 368 0.34 -9.23 -9.96
N TYR A 369 0.22 -9.13 -8.63
CA TYR A 369 0.14 -10.31 -7.77
C TYR A 369 -0.97 -11.27 -8.18
N GLN A 370 -1.95 -10.78 -8.92
CA GLN A 370 -3.05 -11.61 -9.36
C GLN A 370 -2.65 -12.53 -10.51
N LEU A 371 -1.75 -12.06 -11.36
CA LEU A 371 -1.41 -12.75 -12.60
C LEU A 371 -0.33 -13.81 -12.42
N VAL A 372 0.65 -13.55 -11.56
CA VAL A 372 1.61 -14.58 -11.21
C VAL A 372 0.95 -15.81 -10.61
N VAL A 373 -0.28 -15.70 -10.13
CA VAL A 373 -1.03 -16.86 -9.67
C VAL A 373 -1.93 -17.42 -10.76
N SER A 374 -2.70 -16.58 -11.42
CA SER A 374 -3.62 -17.08 -12.44
C SER A 374 -2.86 -17.62 -13.65
N ASP A 375 -1.79 -16.94 -14.06
CA ASP A 375 -0.92 -17.38 -15.15
C ASP A 375 0.29 -18.19 -14.68
N VAL A 376 0.25 -18.72 -13.46
CA VAL A 376 1.41 -19.40 -12.88
C VAL A 376 1.95 -20.48 -13.82
N ALA A 377 1.06 -21.21 -14.48
CA ALA A 377 1.48 -22.27 -15.39
C ALA A 377 2.38 -21.78 -16.51
N TYR A 378 2.20 -20.54 -16.93
CA TYR A 378 3.12 -19.94 -17.90
C TYR A 378 4.37 -19.42 -17.22
N PHE A 379 4.20 -18.82 -16.05
CA PHE A 379 5.29 -18.16 -15.34
C PHE A 379 6.38 -19.12 -14.87
N GLN A 380 6.00 -20.26 -14.28
CA GLN A 380 6.98 -21.23 -13.79
C GLN A 380 7.71 -21.98 -14.90
N LYS A 381 7.40 -21.70 -16.15
CA LYS A 381 8.14 -22.23 -17.29
C LYS A 381 9.13 -21.21 -17.85
N MET A 382 9.62 -20.30 -17.02
CA MET A 382 10.60 -19.30 -17.43
C MET A 382 11.54 -19.00 -16.27
N LYS A 383 12.77 -18.56 -16.62
CA LYS A 383 13.87 -18.38 -15.68
C LYS A 383 14.19 -16.90 -15.54
N TRP A 384 14.10 -16.38 -14.31
CA TRP A 384 14.17 -14.95 -14.05
C TRP A 384 15.50 -14.53 -13.45
N GLN A 385 16.11 -13.49 -14.01
CA GLN A 385 17.44 -13.04 -13.60
C GLN A 385 17.44 -12.16 -12.36
N TYR A 386 16.30 -11.55 -12.00
CA TYR A 386 16.11 -10.79 -10.77
C TYR A 386 14.62 -10.57 -10.60
N MET A 387 14.15 -10.74 -9.37
CA MET A 387 12.73 -10.57 -9.05
C MET A 387 12.55 -9.55 -7.94
N ILE A 388 11.74 -8.53 -8.20
CA ILE A 388 11.34 -7.55 -7.18
C ILE A 388 9.89 -7.79 -6.83
N LEU A 389 9.58 -7.82 -5.55
CA LEU A 389 8.21 -7.85 -5.06
C LEU A 389 7.89 -6.59 -4.27
N ASP A 390 7.08 -5.71 -4.86
CA ASP A 390 6.56 -4.54 -4.15
C ASP A 390 5.50 -4.93 -3.15
N GLU A 391 5.45 -4.21 -2.04
CA GLU A 391 4.50 -4.43 -0.96
C GLU A 391 4.48 -5.89 -0.54
N ALA A 392 5.66 -6.39 -0.20
CA ALA A 392 5.85 -7.78 0.17
C ALA A 392 4.93 -8.26 1.29
N GLN A 393 4.31 -7.36 2.05
CA GLN A 393 3.24 -7.76 2.96
C GLN A 393 2.12 -8.51 2.27
N ALA A 394 2.05 -8.47 0.94
CA ALA A 394 1.16 -9.36 0.20
C ALA A 394 1.56 -10.83 0.34
N ILE A 395 2.86 -11.10 0.54
CA ILE A 395 3.42 -12.44 0.61
C ILE A 395 3.42 -13.01 2.02
N LYS A 396 3.04 -12.21 3.01
CA LYS A 396 3.19 -12.55 4.43
C LYS A 396 2.54 -13.86 4.86
N SER A 397 1.59 -14.42 4.13
CA SER A 397 0.97 -15.67 4.55
C SER A 397 1.48 -16.83 3.72
N SER A 398 2.11 -17.81 4.38
CA SER A 398 2.61 -19.00 3.71
C SER A 398 1.50 -19.90 3.18
N GLN A 399 0.29 -19.82 3.73
CA GLN A 399 -0.86 -20.51 3.15
C GLN A 399 -1.43 -19.81 1.92
N SER A 400 -0.98 -18.61 1.61
CA SER A 400 -1.46 -17.91 0.42
C SER A 400 -0.86 -18.54 -0.83
N SER A 401 -1.71 -18.68 -1.85
CA SER A 401 -1.27 -19.13 -3.17
C SER A 401 -0.21 -18.24 -3.78
N ARG A 402 -0.26 -16.93 -3.54
CA ARG A 402 0.80 -16.08 -4.07
C ARG A 402 2.15 -16.31 -3.39
N TRP A 403 2.18 -16.70 -2.12
CA TRP A 403 3.43 -17.17 -1.55
C TRP A 403 3.86 -18.49 -2.18
N LYS A 404 2.98 -19.49 -2.20
CA LYS A 404 3.32 -20.79 -2.76
C LYS A 404 3.76 -20.72 -4.21
N CYS A 405 3.06 -19.92 -5.02
CA CYS A 405 3.43 -19.75 -6.42
C CYS A 405 4.76 -19.05 -6.58
N LEU A 406 4.91 -17.85 -6.02
CA LEU A 406 6.16 -17.12 -6.21
C LEU A 406 7.34 -17.80 -5.55
N LEU A 407 7.11 -18.55 -4.49
CA LEU A 407 8.18 -19.34 -3.89
C LEU A 407 8.82 -20.24 -4.94
N GLY A 408 8.01 -20.93 -5.74
CA GLY A 408 8.43 -21.86 -6.75
C GLY A 408 8.89 -21.29 -8.07
N PHE A 409 8.91 -19.97 -8.24
CA PHE A 409 9.47 -19.40 -9.46
C PHE A 409 10.97 -19.65 -9.50
N HIS A 410 11.47 -20.04 -10.67
CA HIS A 410 12.91 -20.22 -10.88
C HIS A 410 13.57 -18.85 -11.03
N CYS A 411 14.21 -18.37 -9.97
CA CYS A 411 14.83 -17.06 -10.00
C CYS A 411 16.18 -17.07 -9.31
N ARG A 412 17.14 -16.34 -9.88
CA ARG A 412 18.46 -16.21 -9.27
C ARG A 412 18.38 -15.45 -7.95
N ASN A 413 17.93 -14.19 -8.01
CA ASN A 413 17.92 -13.34 -6.83
C ASN A 413 16.61 -12.58 -6.72
N ARG A 414 16.18 -12.36 -5.48
CA ARG A 414 14.88 -11.82 -5.16
C ARG A 414 15.01 -10.68 -4.15
N LEU A 415 14.17 -9.65 -4.32
CA LEU A 415 13.94 -8.63 -3.30
C LEU A 415 12.51 -8.69 -2.81
N LEU A 416 12.34 -8.41 -1.52
CA LEU A 416 11.06 -7.97 -0.97
C LEU A 416 11.18 -6.49 -0.64
N LEU A 417 10.27 -5.68 -1.14
CA LEU A 417 10.19 -4.28 -0.76
C LEU A 417 8.97 -4.04 0.11
N THR A 418 9.18 -3.40 1.25
CA THR A 418 8.06 -3.07 2.11
C THR A 418 8.48 -1.92 3.02
N GLY A 419 7.49 -1.23 3.57
CA GLY A 419 7.73 -0.37 4.70
C GLY A 419 7.18 -0.90 6.01
N THR A 420 6.52 -2.05 5.99
CA THR A 420 5.83 -2.57 7.17
C THR A 420 6.00 -4.08 7.20
N PRO A 421 7.20 -4.54 7.56
CA PRO A 421 7.48 -5.98 7.45
C PRO A 421 6.82 -6.85 8.50
N ILE A 422 6.61 -6.33 9.71
CA ILE A 422 6.37 -7.20 10.85
C ILE A 422 4.96 -7.78 10.84
N GLN A 423 3.96 -6.97 10.51
CA GLN A 423 2.55 -7.41 10.44
C GLN A 423 2.15 -8.03 11.79
N ASN A 424 1.40 -9.13 11.77
CA ASN A 424 0.68 -9.58 12.96
C ASN A 424 1.42 -10.59 13.82
N ASN A 425 2.39 -11.33 13.28
CA ASN A 425 2.94 -12.45 14.00
C ASN A 425 4.33 -12.75 13.48
N MET A 426 5.14 -13.39 14.32
CA MET A 426 6.46 -13.87 13.92
C MET A 426 6.42 -14.84 12.75
N GLN A 427 5.38 -15.67 12.64
CA GLN A 427 5.27 -16.54 11.47
C GLN A 427 5.11 -15.75 10.18
N GLU A 428 4.45 -14.61 10.23
CA GLU A 428 4.31 -13.76 9.05
C GLU A 428 5.63 -13.11 8.68
N LEU A 429 6.47 -12.81 9.66
CA LEU A 429 7.83 -12.37 9.35
C LEU A 429 8.67 -13.51 8.79
N TRP A 430 8.56 -14.69 9.38
CA TRP A 430 9.28 -15.85 8.87
C TRP A 430 8.99 -16.11 7.39
N ALA A 431 7.72 -16.02 6.99
CA ALA A 431 7.35 -16.24 5.60
C ALA A 431 8.10 -15.32 4.65
N LEU A 432 8.32 -14.08 5.06
CA LEU A 432 9.12 -13.18 4.24
C LEU A 432 10.58 -13.58 4.27
N LEU A 433 11.06 -14.08 5.41
CA LEU A 433 12.46 -14.51 5.53
C LEU A 433 12.71 -15.83 4.82
N HIS A 434 11.79 -16.79 4.92
CA HIS A 434 11.96 -18.04 4.16
C HIS A 434 11.99 -17.81 2.66
N PHE A 435 11.08 -16.98 2.16
CA PHE A 435 11.05 -16.67 0.74
C PHE A 435 12.39 -16.17 0.22
N ILE A 436 13.00 -15.21 0.89
CA ILE A 436 14.27 -14.69 0.37
C ILE A 436 15.41 -15.70 0.51
N MET A 437 15.51 -16.39 1.65
CA MET A 437 16.65 -17.25 1.97
C MET A 437 16.14 -18.57 2.51
N PRO A 438 15.68 -19.47 1.65
CA PRO A 438 14.99 -20.69 2.11
C PRO A 438 15.90 -21.70 2.78
N SER A 439 17.20 -21.65 2.53
CA SER A 439 18.14 -22.55 3.18
C SER A 439 18.37 -22.19 4.65
N LEU A 440 18.56 -20.90 4.94
CA LEU A 440 18.79 -20.49 6.32
C LEU A 440 17.55 -20.61 7.18
N PHE A 441 16.41 -20.08 6.71
CA PHE A 441 15.24 -19.89 7.56
C PHE A 441 14.17 -20.95 7.40
N ASP A 442 14.56 -22.18 7.06
CA ASP A 442 13.59 -23.26 7.09
C ASP A 442 13.04 -23.46 8.50
N SER A 443 11.74 -23.73 8.59
CA SER A 443 11.02 -23.67 9.86
C SER A 443 11.53 -24.67 10.87
N GLN A 469 13.55 -12.78 23.37
CA GLN A 469 14.28 -13.37 22.27
C GLN A 469 14.80 -12.30 21.29
N LEU A 470 14.33 -11.07 21.49
CA LEU A 470 14.54 -10.01 20.50
C LEU A 470 16.01 -9.69 20.30
N LYS A 471 16.83 -9.89 21.33
CA LYS A 471 18.28 -9.75 21.21
C LYS A 471 18.87 -10.63 20.10
N ARG A 472 18.35 -11.84 19.92
CA ARG A 472 18.78 -12.70 18.81
C ARG A 472 18.21 -12.22 17.48
N LEU A 473 16.93 -11.91 17.44
CA LEU A 473 16.27 -11.46 16.22
C LEU A 473 17.03 -10.34 15.54
N HIS A 474 17.30 -9.26 16.27
CA HIS A 474 18.01 -8.13 15.67
C HIS A 474 19.44 -8.46 15.25
N MET A 475 20.02 -9.55 15.75
CA MET A 475 21.33 -9.96 15.26
C MET A 475 21.23 -10.80 13.98
N ILE A 476 20.36 -11.80 13.96
CA ILE A 476 20.29 -12.69 12.81
C ILE A 476 19.73 -11.99 11.57
N LEU A 477 18.82 -11.04 11.73
CA LEU A 477 18.22 -10.37 10.58
C LEU A 477 19.06 -9.23 10.04
N LYS A 478 20.08 -8.81 10.75
CA LYS A 478 20.89 -7.66 10.33
C LYS A 478 21.45 -7.74 8.91
N PRO A 479 21.94 -8.88 8.42
CA PRO A 479 22.41 -8.92 7.02
C PRO A 479 21.30 -8.82 6.01
N PHE A 480 20.11 -9.33 6.33
CA PHE A 480 19.06 -9.60 5.37
C PHE A 480 17.97 -8.56 5.30
N MET A 481 17.91 -7.61 6.25
CA MET A 481 16.97 -6.50 6.17
C MET A 481 17.72 -5.18 6.28
N LEU A 482 17.36 -4.23 5.41
CA LEU A 482 17.83 -2.85 5.47
C LEU A 482 16.63 -1.93 5.63
N ARG A 483 16.67 -1.04 6.62
CA ARG A 483 15.55 -0.14 6.91
C ARG A 483 16.08 1.18 7.44
N ARG A 484 15.89 2.25 6.69
CA ARG A 484 15.98 3.61 7.22
C ARG A 484 14.60 4.25 7.36
N VAL A 485 14.56 5.36 8.08
CA VAL A 485 13.31 5.98 8.52
C VAL A 485 13.37 7.49 8.33
N LYS A 486 12.21 8.09 8.10
CA LYS A 486 12.11 9.48 7.67
C LYS A 486 12.59 10.45 8.74
N LYS A 487 12.46 10.06 10.01
CA LYS A 487 13.00 10.83 11.12
C LYS A 487 14.48 11.14 10.96
N HIS A 488 15.24 10.25 10.32
CA HIS A 488 16.68 10.42 10.12
C HIS A 488 17.01 10.97 8.75
N VAL A 489 16.66 10.25 7.68
CA VAL A 489 17.17 10.56 6.36
C VAL A 489 16.33 11.58 5.59
N GLN A 490 15.09 11.81 6.01
CA GLN A 490 14.15 12.60 5.23
C GLN A 490 13.52 13.70 6.07
N LYS A 491 14.23 14.14 7.12
CA LYS A 491 13.74 15.11 8.10
C LYS A 491 13.38 16.46 7.50
N GLU A 492 13.70 16.70 6.23
CA GLU A 492 13.18 17.87 5.53
C GLU A 492 11.64 17.92 5.55
N LEU A 493 10.99 16.76 5.44
CA LEU A 493 9.55 16.69 5.59
C LEU A 493 9.13 16.75 7.06
N GLY A 494 8.24 17.69 7.37
CA GLY A 494 7.71 17.78 8.73
C GLY A 494 6.95 16.54 9.12
N ASP A 495 6.89 16.30 10.44
CA ASP A 495 6.12 15.19 10.97
C ASP A 495 4.64 15.31 10.65
N LYS A 496 3.96 14.16 10.64
CA LYS A 496 2.50 14.13 10.59
C LYS A 496 1.91 14.83 11.80
N ILE A 497 0.81 15.54 11.58
CA ILE A 497 -0.05 16.01 12.67
C ILE A 497 -1.25 15.06 12.74
N GLU A 498 -1.19 14.05 13.60
CA GLU A 498 -2.38 13.25 13.87
C GLU A 498 -3.34 13.98 14.79
N ILE A 499 -4.63 13.89 14.46
CA ILE A 499 -5.71 14.48 15.24
C ILE A 499 -6.82 13.45 15.39
N ASP A 500 -7.33 13.31 16.60
CA ASP A 500 -8.37 12.34 16.92
C ASP A 500 -9.69 13.07 17.17
N VAL A 501 -10.71 12.75 16.38
CA VAL A 501 -11.93 13.57 16.28
C VAL A 501 -13.10 12.74 16.79
N PHE A 502 -13.37 12.83 18.08
CA PHE A 502 -14.47 12.08 18.69
C PHE A 502 -15.84 12.66 18.37
N CYS A 503 -16.81 11.78 18.12
CA CYS A 503 -18.21 12.16 18.00
C CYS A 503 -19.08 11.06 18.58
N GLU A 504 -20.30 11.42 18.96
CA GLU A 504 -21.21 10.49 19.60
C GLU A 504 -22.25 9.94 18.64
N LEU A 505 -22.82 8.81 19.01
CA LEU A 505 -23.95 8.26 18.27
C LEU A 505 -25.15 9.19 18.28
N SER A 506 -25.49 9.76 17.12
CA SER A 506 -26.74 10.49 16.93
C SER A 506 -27.95 9.60 17.24
N TYR A 507 -29.08 10.26 17.49
CA TYR A 507 -30.27 9.62 18.06
C TYR A 507 -30.72 8.42 17.23
N ARG A 508 -30.61 8.50 15.91
CA ARG A 508 -30.89 7.36 15.03
C ARG A 508 -29.88 6.25 15.20
N GLN A 509 -28.59 6.59 15.21
CA GLN A 509 -27.53 5.59 15.42
C GLN A 509 -27.66 4.85 16.74
N ARG A 510 -27.88 5.57 17.84
CA ARG A 510 -27.99 4.88 19.13
C ARG A 510 -29.26 4.06 19.27
N ALA A 511 -30.34 4.44 18.59
CA ALA A 511 -31.50 3.54 18.52
C ALA A 511 -31.16 2.23 17.82
N MET A 512 -30.38 2.31 16.72
CA MET A 512 -29.89 1.11 16.05
C MET A 512 -28.90 0.34 16.92
N TYR A 513 -27.89 1.02 17.44
CA TYR A 513 -26.81 0.37 18.18
C TYR A 513 -27.33 -0.32 19.44
N GLN A 514 -28.20 0.34 20.18
CA GLN A 514 -28.72 -0.28 21.41
C GLN A 514 -29.61 -1.48 21.12
N SER A 515 -30.51 -1.38 20.15
CA SER A 515 -31.33 -2.53 19.80
C SER A 515 -30.50 -3.66 19.20
N LEU A 516 -29.40 -3.34 18.54
CA LEU A 516 -28.45 -4.35 18.09
C LEU A 516 -27.69 -4.99 19.24
N ARG A 517 -27.21 -4.18 20.18
CA ARG A 517 -26.53 -4.67 21.37
C ARG A 517 -27.41 -5.56 22.24
N ASN A 518 -28.73 -5.39 22.16
CA ASN A 518 -29.65 -6.30 22.85
C ASN A 518 -29.47 -7.77 22.48
N GLN A 519 -28.89 -8.08 21.33
CA GLN A 519 -28.56 -9.47 20.99
C GLN A 519 -27.51 -10.09 21.90
N ILE A 520 -26.74 -9.28 22.63
CA ILE A 520 -25.82 -9.79 23.63
C ILE A 520 -26.52 -10.30 24.89
N SER A 521 -27.84 -10.15 24.96
CA SER A 521 -28.61 -10.95 25.90
C SER A 521 -28.58 -12.44 25.55
N ILE A 522 -28.08 -12.79 24.36
CA ILE A 522 -27.93 -14.19 23.95
C ILE A 522 -26.47 -14.51 23.65
N MET A 523 -25.81 -13.69 22.83
CA MET A 523 -24.44 -13.89 22.41
C MET A 523 -23.45 -13.35 23.43
N ASP A 524 -22.19 -13.74 23.25
CA ASP A 524 -21.06 -13.23 24.02
C ASP A 524 -21.32 -13.30 25.53
N THR A 539 -22.16 -15.65 16.16
CA THR A 539 -22.92 -14.53 15.65
C THR A 539 -22.22 -13.23 16.03
N LEU A 540 -21.33 -13.31 17.02
CA LEU A 540 -20.63 -12.11 17.47
C LEU A 540 -19.81 -11.47 16.35
N MET A 541 -19.23 -12.28 15.46
CA MET A 541 -18.48 -11.71 14.35
C MET A 541 -19.36 -11.08 13.29
N ASN A 542 -20.62 -11.49 13.22
CA ASN A 542 -21.60 -10.71 12.47
C ASN A 542 -21.91 -9.38 13.17
N LEU A 543 -22.16 -9.44 14.48
CA LEU A 543 -22.49 -8.23 15.23
C LEU A 543 -21.42 -7.15 15.14
N VAL A 544 -20.14 -7.50 15.27
CA VAL A 544 -19.11 -6.46 15.16
C VAL A 544 -19.07 -5.82 13.78
N MET A 545 -19.50 -6.53 12.73
CA MET A 545 -19.61 -5.86 11.44
C MET A 545 -20.85 -4.96 11.36
N GLN A 546 -21.97 -5.41 11.93
CA GLN A 546 -23.14 -4.52 12.05
C GLN A 546 -22.84 -3.29 12.92
N PHE A 547 -22.16 -3.48 14.04
CA PHE A 547 -21.78 -2.32 14.85
C PHE A 547 -20.91 -1.33 14.10
N ARG A 548 -19.98 -1.82 13.26
CA ARG A 548 -19.18 -0.92 12.43
C ARG A 548 -20.04 -0.17 11.40
N LYS A 549 -20.99 -0.86 10.78
CA LYS A 549 -21.88 -0.21 9.81
C LYS A 549 -22.64 0.97 10.40
N VAL A 550 -23.34 0.77 11.53
CA VAL A 550 -24.08 1.87 12.13
C VAL A 550 -23.16 2.98 12.63
N CYS A 551 -21.94 2.65 13.03
CA CYS A 551 -20.99 3.71 13.37
C CYS A 551 -20.54 4.52 12.16
N ASN A 552 -20.74 4.01 10.95
CA ASN A 552 -20.46 4.78 9.74
C ASN A 552 -21.68 5.57 9.30
N HIS A 553 -22.79 4.89 9.09
CA HIS A 553 -24.05 5.56 8.78
C HIS A 553 -25.17 4.56 8.96
N PRO A 554 -26.25 4.92 9.66
CA PRO A 554 -27.37 3.98 9.79
C PRO A 554 -28.06 3.65 8.48
N ASP A 555 -27.94 4.49 7.44
CA ASP A 555 -28.44 4.11 6.12
C ASP A 555 -27.80 2.84 5.59
N LEU A 556 -26.54 2.56 5.97
CA LEU A 556 -25.92 1.30 5.57
C LEU A 556 -26.67 0.12 6.14
N PHE A 557 -27.13 0.26 7.38
CA PHE A 557 -27.89 -0.80 8.01
C PHE A 557 -29.30 -0.85 7.42
N GLU A 558 -30.00 0.28 7.41
CA GLU A 558 -31.33 0.37 6.79
C GLU A 558 -31.54 1.80 6.30
N ARG A 559 -31.73 1.99 5.00
CA ARG A 559 -31.93 3.33 4.47
C ARG A 559 -33.25 3.93 4.94
N ALA A 560 -33.21 5.25 5.15
CA ALA A 560 -34.42 6.01 5.42
C ALA A 560 -35.36 5.93 4.22
N PRO A 826 -37.51 11.31 3.66
CA PRO A 826 -36.07 11.44 3.77
C PRO A 826 -35.57 12.82 3.33
N SER A 827 -34.48 13.27 3.96
CA SER A 827 -33.91 14.56 3.62
C SER A 827 -32.40 14.51 3.79
N MET A 828 -31.69 15.24 2.93
CA MET A 828 -30.24 15.28 3.02
C MET A 828 -29.74 16.02 4.25
N ALA A 829 -30.50 16.96 4.79
CA ALA A 829 -30.11 17.57 6.06
C ALA A 829 -30.18 16.58 7.21
N ARG A 830 -31.20 15.73 7.23
CA ARG A 830 -31.27 14.66 8.22
C ARG A 830 -30.21 13.60 7.97
N PHE A 831 -29.99 13.25 6.71
CA PHE A 831 -28.93 12.32 6.33
C PHE A 831 -27.54 12.74 6.81
N VAL A 832 -27.24 14.04 6.86
CA VAL A 832 -25.99 14.45 7.48
C VAL A 832 -26.03 14.26 8.99
N THR A 833 -27.06 14.78 9.64
CA THR A 833 -27.05 14.86 11.09
C THR A 833 -27.37 13.54 11.78
N ASP A 834 -27.94 12.57 11.08
CA ASP A 834 -28.24 11.27 11.68
C ASP A 834 -27.07 10.30 11.59
N SER A 835 -25.91 10.74 11.11
CA SER A 835 -24.64 10.09 11.37
C SER A 835 -23.71 11.05 12.11
N GLY A 836 -23.28 10.64 13.30
CA GLY A 836 -22.35 11.47 14.07
C GLY A 836 -21.01 11.69 13.42
N LYS A 837 -20.46 10.66 12.77
CA LYS A 837 -19.23 10.85 11.99
C LYS A 837 -19.43 11.84 10.86
N LEU A 838 -20.55 11.71 10.14
CA LEU A 838 -20.79 12.56 8.99
C LEU A 838 -21.10 13.99 9.40
N ALA A 839 -21.80 14.15 10.52
CA ALA A 839 -22.01 15.48 11.09
C ALA A 839 -20.70 16.15 11.46
N LYS A 840 -19.80 15.43 12.12
CA LYS A 840 -18.51 16.00 12.47
C LYS A 840 -17.61 16.18 11.25
N LEU A 841 -17.71 15.27 10.28
CA LEU A 841 -17.00 15.43 9.02
C LEU A 841 -17.47 16.65 8.25
N ASP A 842 -18.78 16.88 8.19
CA ASP A 842 -19.31 18.01 7.43
C ASP A 842 -18.76 19.34 7.92
N GLU A 843 -18.77 19.55 9.23
CA GLU A 843 -18.14 20.72 9.83
C GLU A 843 -16.64 20.79 9.55
N LEU A 844 -15.97 19.64 9.50
CA LEU A 844 -14.55 19.59 9.22
C LEU A 844 -14.22 19.90 7.76
N LEU A 845 -14.97 19.30 6.83
CA LEU A 845 -14.79 19.62 5.42
C LEU A 845 -15.13 21.07 5.12
N ARG A 846 -16.14 21.61 5.80
CA ARG A 846 -16.47 23.03 5.69
C ARG A 846 -15.30 23.93 6.10
N GLU A 847 -14.59 23.58 7.16
CA GLU A 847 -13.38 24.31 7.52
C GLU A 847 -12.21 24.03 6.59
N LEU A 848 -12.00 22.76 6.22
CA LEU A 848 -10.88 22.40 5.36
C LEU A 848 -10.95 23.04 3.98
N LYS A 849 -12.15 23.16 3.41
CA LYS A 849 -12.27 23.82 2.11
C LYS A 849 -11.86 25.30 2.16
N GLU A 850 -12.25 26.01 3.20
CA GLU A 850 -11.80 27.39 3.34
C GLU A 850 -10.29 27.47 3.52
N GLY A 851 -9.67 26.42 4.04
CA GLY A 851 -8.22 26.32 4.07
C GLY A 851 -7.57 25.97 2.75
N GLY A 852 -8.35 25.57 1.75
CA GLY A 852 -7.78 25.04 0.52
C GLY A 852 -7.16 23.67 0.66
N HIS A 853 -7.51 22.92 1.70
CA HIS A 853 -6.90 21.65 2.06
C HIS A 853 -7.50 20.50 1.26
N ARG A 854 -6.88 20.19 0.12
CA ARG A 854 -7.24 19.02 -0.67
C ARG A 854 -7.03 17.76 0.14
N VAL A 855 -8.03 16.88 0.19
CA VAL A 855 -8.12 15.93 1.29
C VAL A 855 -8.48 14.53 0.79
N LEU A 856 -7.87 13.50 1.40
CA LEU A 856 -8.10 12.09 1.09
C LEU A 856 -8.97 11.46 2.16
N LEU A 857 -10.09 10.85 1.77
CA LEU A 857 -10.99 10.20 2.71
C LEU A 857 -10.94 8.69 2.53
N TYR A 858 -10.62 7.95 3.58
CA TYR A 858 -10.45 6.51 3.53
C TYR A 858 -11.61 5.78 4.21
N PHE A 859 -12.15 4.80 3.52
CA PHE A 859 -13.26 3.99 4.01
C PHE A 859 -12.83 2.52 4.06
N GLN A 860 -13.34 1.80 5.05
CA GLN A 860 -13.23 0.34 5.05
C GLN A 860 -14.40 -0.34 4.36
N MET A 861 -15.39 0.42 3.89
CA MET A 861 -16.58 -0.15 3.27
C MET A 861 -16.82 0.50 1.92
N THR A 862 -17.30 -0.30 0.97
CA THR A 862 -17.70 0.22 -0.32
C THR A 862 -19.06 0.91 -0.29
N ARG A 863 -20.04 0.33 0.38
CA ARG A 863 -21.34 0.97 0.46
C ARG A 863 -21.27 2.35 1.12
N MET A 864 -20.29 2.58 1.99
CA MET A 864 -20.16 3.90 2.58
C MET A 864 -19.62 4.93 1.61
N ILE A 865 -18.63 4.57 0.80
CA ILE A 865 -18.11 5.51 -0.19
C ILE A 865 -19.14 5.82 -1.27
N ASP A 866 -20.11 4.93 -1.48
CA ASP A 866 -21.30 5.31 -2.26
C ASP A 866 -22.11 6.39 -1.58
N LEU A 867 -22.57 6.13 -0.36
CA LEU A 867 -23.33 7.12 0.41
C LEU A 867 -22.59 8.42 0.55
N MET A 868 -21.27 8.35 0.70
CA MET A 868 -20.47 9.56 0.85
C MET A 868 -20.62 10.53 -0.32
N GLU A 869 -20.60 10.04 -1.55
CA GLU A 869 -20.75 10.94 -2.68
C GLU A 869 -22.18 11.41 -2.93
N GLU A 870 -23.19 10.77 -2.36
CA GLU A 870 -24.48 11.43 -2.26
C GLU A 870 -24.38 12.70 -1.43
N TYR A 871 -23.76 12.61 -0.26
CA TYR A 871 -23.49 13.80 0.53
C TYR A 871 -22.59 14.79 -0.19
N LEU A 872 -21.56 14.32 -0.88
CA LEU A 872 -20.72 15.24 -1.63
C LEU A 872 -21.42 15.88 -2.82
N THR A 873 -22.51 15.30 -3.31
CA THR A 873 -23.30 15.95 -4.35
C THR A 873 -24.47 16.75 -3.81
N TYR A 874 -24.84 16.54 -2.55
CA TYR A 874 -25.70 17.49 -1.87
C TYR A 874 -24.95 18.77 -1.55
N ARG A 875 -23.75 18.66 -1.03
CA ARG A 875 -22.83 19.79 -0.99
C ARG A 875 -22.29 20.06 -2.40
N ASN A 876 -21.51 21.13 -2.53
CA ASN A 876 -20.95 21.56 -3.80
C ASN A 876 -19.63 20.89 -4.14
N TYR A 877 -19.20 19.89 -3.37
CA TYR A 877 -17.82 19.42 -3.36
C TYR A 877 -17.48 18.58 -4.60
N LYS A 878 -16.46 19.03 -5.35
CA LYS A 878 -15.91 18.30 -6.48
C LYS A 878 -14.97 17.20 -6.00
N TYR A 879 -15.22 15.96 -6.43
CA TYR A 879 -14.46 14.82 -5.96
C TYR A 879 -14.13 13.86 -7.09
N CYS A 880 -13.18 12.96 -6.83
CA CYS A 880 -12.94 11.77 -7.63
C CYS A 880 -12.78 10.56 -6.71
N ARG A 881 -12.83 9.37 -7.30
CA ARG A 881 -13.01 8.14 -6.54
C ARG A 881 -12.12 7.00 -7.05
N LEU A 882 -11.68 6.13 -6.14
CA LEU A 882 -10.90 4.95 -6.51
C LEU A 882 -11.13 3.84 -5.49
N ASP A 883 -11.63 2.70 -5.96
CA ASP A 883 -11.86 1.53 -5.11
C ASP A 883 -11.44 0.28 -5.89
N GLY A 884 -11.54 -0.87 -5.23
CA GLY A 884 -11.15 -2.14 -5.81
C GLY A 884 -11.99 -2.59 -6.99
N SER A 885 -13.07 -1.88 -7.32
CA SER A 885 -13.80 -2.18 -8.54
C SER A 885 -13.41 -1.32 -9.74
N THR A 886 -12.76 -0.19 -9.56
CA THR A 886 -12.32 0.63 -10.67
C THR A 886 -11.25 -0.06 -11.51
N LYS A 887 -11.43 -0.07 -12.83
CA LYS A 887 -10.52 -0.75 -13.72
C LYS A 887 -9.19 0.00 -13.82
N LEU A 888 -8.12 -0.73 -14.12
CA LEU A 888 -6.77 -0.22 -13.90
C LEU A 888 -6.45 1.02 -14.73
N GLU A 889 -6.96 1.14 -15.95
CA GLU A 889 -6.78 2.39 -16.69
C GLU A 889 -7.58 3.52 -16.06
N ASP A 890 -8.72 3.21 -15.47
CA ASP A 890 -9.47 4.22 -14.72
C ASP A 890 -8.70 4.69 -13.50
N ARG A 891 -7.97 3.79 -12.84
CA ARG A 891 -7.10 4.19 -11.74
C ARG A 891 -6.00 5.14 -12.18
N ARG A 892 -5.24 4.76 -13.22
CA ARG A 892 -4.19 5.63 -13.73
C ARG A 892 -4.70 7.04 -14.00
N ASP A 893 -5.81 7.15 -14.72
CA ASP A 893 -6.32 8.47 -15.10
C ASP A 893 -6.88 9.25 -13.93
N THR A 894 -7.62 8.63 -13.02
CA THR A 894 -8.12 9.37 -11.87
C THR A 894 -6.99 9.87 -10.96
N VAL A 895 -5.99 9.04 -10.71
CA VAL A 895 -4.87 9.49 -9.89
C VAL A 895 -4.11 10.62 -10.58
N ALA A 896 -3.83 10.46 -11.86
CA ALA A 896 -3.17 11.51 -12.62
C ALA A 896 -4.04 12.76 -12.73
N ASP A 897 -5.34 12.58 -12.86
CA ASP A 897 -6.27 13.71 -12.88
C ASP A 897 -6.24 14.49 -11.58
N PHE A 898 -6.41 13.80 -10.45
CA PHE A 898 -6.32 14.42 -9.14
C PHE A 898 -4.98 15.12 -8.95
N GLN A 899 -3.89 14.43 -9.25
CA GLN A 899 -2.57 15.02 -9.15
C GLN A 899 -2.32 16.16 -10.14
N THR A 900 -3.07 16.25 -11.22
CA THR A 900 -2.84 17.33 -12.19
C THR A 900 -3.55 18.62 -11.83
N ARG A 901 -4.86 18.55 -11.56
CA ARG A 901 -5.65 19.75 -11.43
C ARG A 901 -6.05 20.02 -9.98
N PRO A 902 -5.75 21.22 -9.47
CA PRO A 902 -6.09 21.57 -8.08
C PRO A 902 -7.57 21.82 -7.85
N GLU A 903 -8.37 21.84 -8.92
CA GLU A 903 -9.81 22.00 -8.79
C GLU A 903 -10.46 20.96 -7.88
N ILE A 904 -10.00 19.71 -7.93
CA ILE A 904 -10.65 18.65 -7.16
C ILE A 904 -10.35 18.80 -5.68
N PHE A 905 -11.40 18.73 -4.85
CA PHE A 905 -11.28 18.92 -3.41
C PHE A 905 -11.08 17.60 -2.65
N ILE A 906 -11.90 16.58 -2.91
CA ILE A 906 -11.84 15.32 -2.17
C ILE A 906 -11.46 14.20 -3.13
N PHE A 907 -10.56 13.33 -2.69
CA PHE A 907 -10.39 11.99 -3.27
C PHE A 907 -11.04 10.97 -2.35
N LEU A 908 -12.14 10.40 -2.79
CA LEU A 908 -12.78 9.29 -2.09
C LEU A 908 -12.02 8.02 -2.44
N LEU A 909 -11.25 7.50 -1.48
CA LEU A 909 -10.14 6.63 -1.78
C LEU A 909 -10.23 5.42 -0.87
N SER A 910 -10.09 4.23 -1.43
CA SER A 910 -10.25 3.02 -0.64
C SER A 910 -9.01 2.74 0.22
N THR A 911 -9.27 2.17 1.39
CA THR A 911 -8.20 1.74 2.29
C THR A 911 -7.13 0.89 1.60
N ARG A 912 -7.53 -0.17 0.91
CA ARG A 912 -6.58 -1.13 0.34
C ARG A 912 -6.18 -0.80 -1.09
N ALA A 913 -7.15 -0.75 -2.00
CA ALA A 913 -6.88 -0.40 -3.38
C ALA A 913 -6.31 1.00 -3.54
N GLY A 914 -6.59 1.90 -2.60
CA GLY A 914 -6.02 3.23 -2.63
C GLY A 914 -4.96 3.52 -1.60
N GLY A 915 -4.46 2.52 -0.91
CA GLY A 915 -3.55 2.71 0.21
C GLY A 915 -2.08 2.49 -0.06
N LEU A 916 -1.74 1.92 -1.21
CA LEU A 916 -0.38 1.44 -1.46
C LEU A 916 0.17 2.03 -2.74
N GLY A 917 1.48 2.18 -2.77
CA GLY A 917 2.25 2.41 -3.98
C GLY A 917 2.17 3.80 -4.56
N ILE A 918 0.95 4.27 -4.81
CA ILE A 918 0.72 5.55 -5.49
C ILE A 918 1.20 6.76 -4.69
N ASN A 919 1.46 7.85 -5.41
CA ASN A 919 1.85 9.13 -4.85
C ASN A 919 0.67 10.08 -4.90
N LEU A 920 0.34 10.70 -3.77
CA LEU A 920 -0.73 11.68 -3.68
C LEU A 920 -0.28 12.95 -2.98
N THR A 921 0.94 13.39 -3.24
CA THR A 921 1.53 14.52 -2.57
C THR A 921 0.80 15.85 -2.76
N THR A 922 -0.08 15.99 -3.74
CA THR A 922 -0.85 17.23 -3.83
C THR A 922 -2.06 17.27 -2.91
N ALA A 923 -2.39 16.18 -2.26
CA ALA A 923 -3.23 16.28 -1.07
C ALA A 923 -2.39 16.62 0.15
N ASP A 924 -3.01 17.28 1.11
CA ASP A 924 -2.35 17.61 2.35
C ASP A 924 -3.04 17.06 3.58
N THR A 925 -4.24 16.55 3.46
CA THR A 925 -5.01 16.11 4.61
C THR A 925 -5.51 14.70 4.35
N VAL A 926 -5.47 13.86 5.37
CA VAL A 926 -5.92 12.48 5.28
C VAL A 926 -6.97 12.29 6.36
N ILE A 927 -8.11 11.71 6.01
CA ILE A 927 -9.20 11.52 6.94
C ILE A 927 -9.59 10.05 6.90
N PHE A 928 -9.38 9.35 8.00
CA PHE A 928 -9.93 8.02 8.20
C PHE A 928 -11.35 8.14 8.69
N TYR A 929 -12.30 7.82 7.84
CA TYR A 929 -13.67 7.65 8.29
C TYR A 929 -13.82 6.37 9.11
N ASP A 930 -13.15 5.31 8.68
CA ASP A 930 -12.99 4.07 9.43
C ASP A 930 -11.53 3.89 9.79
N SER A 931 -11.26 3.54 11.05
CA SER A 931 -10.00 2.91 11.43
C SER A 931 -10.00 1.44 11.04
N ASP A 932 -8.79 0.90 10.89
CA ASP A 932 -8.59 -0.50 10.53
C ASP A 932 -7.86 -1.28 11.61
N TRP A 933 -8.17 -2.58 11.66
CA TRP A 933 -7.53 -3.50 12.60
C TRP A 933 -6.02 -3.59 12.45
N ASN A 934 -5.48 -3.29 11.27
CA ASN A 934 -4.05 -3.37 11.08
C ASN A 934 -3.43 -1.99 10.97
N PRO A 935 -2.63 -1.56 11.94
CA PRO A 935 -2.05 -0.21 11.87
C PRO A 935 -1.13 -0.02 10.71
N THR A 936 -0.58 -1.10 10.15
CA THR A 936 0.27 -0.98 8.99
C THR A 936 -0.50 -0.53 7.77
N ILE A 937 -1.76 -0.94 7.66
CA ILE A 937 -2.59 -0.55 6.53
C ILE A 937 -3.00 0.92 6.64
N ASP A 938 -3.47 1.34 7.80
CA ASP A 938 -3.74 2.76 8.02
C ASP A 938 -2.48 3.61 7.90
N SER A 939 -1.33 3.09 8.31
CA SER A 939 -0.09 3.81 8.07
C SER A 939 0.23 3.93 6.60
N GLN A 940 0.07 2.83 5.85
CA GLN A 940 0.25 2.86 4.41
C GLN A 940 -0.69 3.86 3.75
N ALA A 941 -1.97 3.84 4.16
CA ALA A 941 -2.92 4.82 3.67
C ALA A 941 -2.50 6.26 3.96
N MET A 942 -2.12 6.57 5.19
CA MET A 942 -1.75 7.95 5.50
C MET A 942 -0.40 8.38 4.94
N ASP A 943 0.49 7.45 4.64
CA ASP A 943 1.76 7.77 4.01
C ASP A 943 1.67 7.90 2.49
N ARG A 944 0.47 8.06 1.93
CA ARG A 944 0.33 8.39 0.51
C ARG A 944 0.64 9.85 0.22
N ALA A 945 0.19 10.76 1.07
CA ALA A 945 0.88 12.02 1.25
C ALA A 945 2.07 11.81 2.17
N HIS A 946 2.87 12.86 2.36
CA HIS A 946 4.06 12.76 3.20
C HIS A 946 5.09 11.80 2.58
N ARG A 947 5.49 12.16 1.36
CA ARG A 947 6.44 11.43 0.54
C ARG A 947 7.39 12.46 -0.04
N LEU A 948 8.50 12.00 -0.60
CA LEU A 948 9.61 12.86 -0.95
C LEU A 948 9.22 14.07 -1.81
N GLY A 949 8.10 14.03 -2.53
CA GLY A 949 7.65 15.18 -3.29
C GLY A 949 6.83 16.22 -2.56
N GLN A 950 6.46 15.97 -1.31
CA GLN A 950 5.58 16.85 -0.55
C GLN A 950 6.27 18.15 -0.14
N THR A 951 5.48 19.21 -0.05
CA THR A 951 5.98 20.52 0.36
C THR A 951 5.11 21.19 1.41
N LYS A 952 3.80 20.96 1.38
CA LYS A 952 2.90 21.42 2.42
C LYS A 952 3.02 20.54 3.66
N GLN A 953 2.60 21.08 4.80
CA GLN A 953 2.38 20.29 6.00
C GLN A 953 1.24 19.30 5.78
N VAL A 954 1.36 18.11 6.38
CA VAL A 954 0.32 17.07 6.33
C VAL A 954 -0.38 16.96 7.68
N THR A 955 -1.70 16.83 7.65
CA THR A 955 -2.52 16.54 8.83
C THR A 955 -3.32 15.26 8.62
N VAL A 956 -3.44 14.44 9.66
CA VAL A 956 -4.24 13.22 9.62
C VAL A 956 -5.34 13.32 10.67
N TYR A 957 -6.59 13.34 10.23
CA TYR A 957 -7.72 13.25 11.13
C TYR A 957 -8.21 11.82 11.21
N ARG A 958 -8.92 11.51 12.28
CA ARG A 958 -9.50 10.19 12.45
C ARG A 958 -10.82 10.31 13.22
N LEU A 959 -11.93 10.10 12.53
CA LEU A 959 -13.24 10.16 13.18
C LEU A 959 -13.45 8.90 13.99
N ILE A 960 -13.58 9.04 15.31
CA ILE A 960 -13.85 7.92 16.20
C ILE A 960 -15.18 8.15 16.89
N THR A 961 -16.14 7.25 16.69
CA THR A 961 -17.40 7.34 17.40
C THR A 961 -17.20 6.85 18.84
N ARG A 962 -17.23 7.80 19.78
CA ARG A 962 -16.96 7.51 21.18
C ARG A 962 -17.99 6.57 21.78
N GLY A 963 -17.51 5.64 22.60
CA GLY A 963 -18.38 4.67 23.25
C GLY A 963 -18.92 3.59 22.35
N THR A 964 -18.14 3.17 21.36
CA THR A 964 -18.50 2.16 20.38
C THR A 964 -17.27 1.32 20.10
N ILE A 965 -17.46 0.19 19.43
CA ILE A 965 -16.34 -0.62 18.98
C ILE A 965 -15.38 0.10 18.05
N GLU A 966 -15.72 1.28 17.55
CA GLU A 966 -14.73 2.09 16.85
C GLU A 966 -13.54 2.42 17.76
N GLU A 967 -13.79 2.55 19.07
CA GLU A 967 -12.72 2.75 20.04
C GLU A 967 -11.89 1.50 20.28
N ARG A 968 -12.52 0.34 20.45
CA ARG A 968 -11.76 -0.89 20.66
C ARG A 968 -10.89 -1.23 19.45
N ILE A 969 -11.42 -1.05 18.24
CA ILE A 969 -10.64 -1.26 17.03
C ILE A 969 -9.40 -0.37 17.01
N ARG A 970 -9.57 0.91 17.28
CA ARG A 970 -8.42 1.81 17.26
C ARG A 970 -7.44 1.55 18.40
N LYS A 971 -7.92 1.22 19.59
CA LYS A 971 -6.98 0.95 20.68
C LYS A 971 -6.23 -0.37 20.48
N ARG A 972 -6.88 -1.40 19.94
CA ARG A 972 -6.21 -2.65 19.62
C ARG A 972 -5.22 -2.50 18.47
N ALA A 973 -5.58 -1.77 17.41
CA ALA A 973 -4.64 -1.49 16.34
C ALA A 973 -3.50 -0.60 16.80
N LEU A 974 -3.77 0.37 17.66
CA LEU A 974 -2.72 1.31 18.07
C LEU A 974 -1.63 0.62 18.89
N GLN A 975 -2.01 -0.24 19.82
CA GLN A 975 -1.02 -0.95 20.62
C GLN A 975 -0.14 -1.90 19.81
N LYS A 976 -0.66 -2.45 18.70
CA LYS A 976 0.18 -3.23 17.80
C LYS A 976 1.28 -2.41 17.17
N GLU A 977 1.09 -1.11 16.98
CA GLU A 977 2.18 -0.28 16.50
C GLU A 977 3.34 -0.26 17.49
N GLU A 978 3.04 -0.29 18.79
CA GLU A 978 4.11 -0.41 19.79
C GLU A 978 4.78 -1.78 19.74
N VAL A 979 4.00 -2.85 19.59
CA VAL A 979 4.59 -4.18 19.40
C VAL A 979 5.50 -4.19 18.19
N GLN A 980 5.02 -3.66 17.08
CA GLN A 980 5.82 -3.63 15.85
C GLN A 980 7.04 -2.73 15.99
N ARG A 981 6.91 -1.62 16.71
CA ARG A 981 8.07 -0.77 16.98
C ARG A 981 9.09 -1.44 17.90
N VAL A 982 8.63 -2.15 18.92
CA VAL A 982 9.52 -2.91 19.78
C VAL A 982 10.28 -3.99 19.00
N VAL A 983 9.58 -4.73 18.17
CA VAL A 983 10.23 -5.72 17.30
C VAL A 983 11.19 -5.08 16.30
N ILE A 984 11.14 -3.76 16.13
CA ILE A 984 12.13 -3.05 15.32
C ILE A 984 13.04 -2.21 16.23
N THR A 985 13.21 -2.63 17.48
CA THR A 985 14.10 -1.91 18.39
C THR A 985 15.54 -1.84 17.86
N GLY A 986 16.02 -2.89 17.22
CA GLY A 986 17.39 -2.87 16.74
C GLY A 986 17.63 -1.94 15.57
N THR A 987 18.91 -1.78 15.24
CA THR A 987 19.33 -1.00 14.08
C THR A 987 18.82 -1.62 12.79
N GLY A 988 18.36 -0.77 11.88
CA GLY A 988 18.04 -1.20 10.54
C GLY A 988 19.11 -0.94 9.50
N SER A 989 20.17 -0.23 9.86
CA SER A 989 21.17 0.18 8.88
C SER A 989 22.06 -0.97 8.40
#